data_9M5D
#
_entry.id   9M5D
#
_cell.length_a   173.973
_cell.length_b   173.973
_cell.length_c   79.611
_cell.angle_alpha   90.000
_cell.angle_beta   90.000
_cell.angle_gamma   90.000
#
_symmetry.space_group_name_H-M   'I 4 2 2'
#
loop_
_entity.id
_entity.type
_entity.pdbx_description
1 polymer n501
2 polymer 'Immunoglobulin G-binding protein A'
#
loop_
_entity_poly.entity_id
_entity_poly.type
_entity_poly.pdbx_seq_one_letter_code
_entity_poly.pdbx_strand_id
1 'polypeptide(L)'
;EVQLVESGGGLVQPGGSLRLSCAASDFTFRNYEMSWVRQAPGKGLEWVSSISGSGGSTYYAHSLKGRFTISRDNSKNTLY
LQMNSLRAEDTAIYYCARLRDGFNNGFDYWGQGTLVTVSS
;
D,A
2 'polypeptide(L)' ADAQQNNFNKDQQSAFYEILNMPNLNEAQRNGFIQSLKDDPSQSTNVLGEAKKLNESQAPK H,B
#
# COMPACT_ATOMS: atom_id res chain seq x y z
N GLU A 1 -9.89 -3.19 23.16
CA GLU A 1 -10.39 -2.62 21.91
C GLU A 1 -9.27 -2.50 20.87
N VAL A 2 -8.91 -3.64 20.28
CA VAL A 2 -7.80 -3.69 19.33
C VAL A 2 -8.19 -2.93 18.05
N GLN A 3 -7.22 -2.24 17.46
CA GLN A 3 -7.50 -1.48 16.24
C GLN A 3 -6.24 -1.39 15.38
N LEU A 4 -6.42 -1.67 14.08
CA LEU A 4 -5.38 -1.58 13.07
C LEU A 4 -5.88 -0.67 11.95
N VAL A 5 -4.98 0.12 11.37
CA VAL A 5 -5.35 1.01 10.27
C VAL A 5 -4.26 0.98 9.20
N GLU A 6 -4.68 0.86 7.94
CA GLU A 6 -3.76 0.89 6.81
C GLU A 6 -3.64 2.30 6.22
N SER A 7 -2.49 2.55 5.59
CA SER A 7 -2.17 3.85 5.01
C SER A 7 -1.26 3.63 3.80
N GLY A 8 -1.42 4.50 2.81
CA GLY A 8 -0.70 4.39 1.57
C GLY A 8 -1.50 3.64 0.51
N GLY A 9 -1.08 3.82 -0.73
CA GLY A 9 -1.76 3.14 -1.81
C GLY A 9 -2.55 4.11 -2.67
N GLY A 10 -2.77 3.71 -3.92
CA GLY A 10 -3.41 4.58 -4.89
C GLY A 10 -3.10 4.11 -6.30
N LEU A 11 -3.28 5.02 -7.25
CA LEU A 11 -3.08 4.70 -8.66
C LEU A 11 -1.63 4.89 -9.04
N VAL A 12 -1.03 3.86 -9.63
CA VAL A 12 0.31 3.93 -10.22
C VAL A 12 0.30 3.14 -11.51
N GLN A 13 1.15 3.56 -12.45
CA GLN A 13 1.28 2.86 -13.72
C GLN A 13 2.11 1.60 -13.55
N PRO A 14 1.94 0.62 -14.45
CA PRO A 14 2.64 -0.66 -14.29
C PRO A 14 4.15 -0.49 -14.27
N GLY A 15 4.82 -1.33 -13.48
CA GLY A 15 6.25 -1.28 -13.31
C GLY A 15 6.73 -0.40 -12.18
N GLY A 16 5.83 0.30 -11.48
CA GLY A 16 6.20 1.21 -10.43
C GLY A 16 6.31 0.51 -9.08
N SER A 17 6.52 1.33 -8.04
CA SER A 17 6.74 0.83 -6.70
C SER A 17 5.92 1.64 -5.70
N LEU A 18 5.46 0.97 -4.64
CA LEU A 18 4.73 1.63 -3.57
C LEU A 18 5.26 1.18 -2.21
N ARG A 19 4.75 1.81 -1.15
CA ARG A 19 5.08 1.37 0.20
C ARG A 19 3.85 1.59 1.08
N LEU A 20 3.39 0.52 1.71
CA LEU A 20 2.20 0.49 2.54
C LEU A 20 2.61 0.51 4.02
N SER A 21 1.75 1.11 4.84
CA SER A 21 1.99 1.26 6.26
C SER A 21 0.77 0.77 7.04
N CYS A 22 1.02 0.16 8.19
CA CYS A 22 -0.04 -0.34 9.06
C CYS A 22 0.26 0.11 10.48
N ALA A 23 -0.69 0.81 11.09
CA ALA A 23 -0.55 1.35 12.44
C ALA A 23 -1.48 0.58 13.37
N ALA A 24 -0.90 -0.09 14.35
CA ALA A 24 -1.63 -0.86 15.34
C ALA A 24 -1.77 -0.08 16.64
N SER A 25 -2.72 -0.50 17.46
CA SER A 25 -2.87 0.15 18.76
C SER A 25 -3.57 -0.79 19.72
N ASP A 26 -3.36 -0.51 21.02
CA ASP A 26 -4.07 -1.11 22.14
C ASP A 26 -3.67 -2.56 22.40
N PHE A 27 -2.47 -2.97 21.98
CA PHE A 27 -1.89 -4.24 22.38
C PHE A 27 -0.36 -4.12 22.26
N THR A 28 0.34 -5.18 22.64
CA THR A 28 1.80 -5.13 22.70
C THR A 28 2.41 -5.01 21.31
N PHE A 29 1.90 -5.79 20.35
CA PHE A 29 2.27 -5.75 18.93
C PHE A 29 3.65 -6.38 18.67
N ARG A 30 4.51 -6.47 19.67
CA ARG A 30 5.79 -7.15 19.51
C ARG A 30 5.73 -8.59 20.00
N ASN A 31 4.54 -9.04 20.42
CA ASN A 31 4.32 -10.41 20.85
C ASN A 31 3.54 -11.23 19.83
N TYR A 32 2.88 -10.56 18.90
CA TYR A 32 2.03 -11.20 17.90
C TYR A 32 2.72 -11.23 16.56
N GLU A 33 2.47 -12.29 15.80
CA GLU A 33 2.98 -12.39 14.44
C GLU A 33 1.98 -11.73 13.50
N MET A 34 2.47 -10.98 12.53
CA MET A 34 1.60 -10.19 11.68
C MET A 34 1.66 -10.69 10.25
N SER A 35 0.66 -10.28 9.46
CA SER A 35 0.54 -10.80 8.11
C SER A 35 -0.16 -9.78 7.22
N TRP A 36 0.17 -9.85 5.93
CA TRP A 36 -0.46 -9.09 4.87
C TRP A 36 -1.15 -10.06 3.93
N VAL A 37 -2.42 -9.76 3.62
CA VAL A 37 -3.21 -10.54 2.68
C VAL A 37 -3.87 -9.57 1.72
N ARG A 38 -4.21 -10.06 0.53
CA ARG A 38 -4.80 -9.22 -0.50
C ARG A 38 -6.01 -9.91 -1.09
N GLN A 39 -6.88 -9.11 -1.71
CA GLN A 39 -8.08 -9.66 -2.33
C GLN A 39 -8.24 -8.99 -3.69
N ALA A 40 -8.05 -9.79 -4.73
CA ALA A 40 -8.30 -9.45 -6.11
C ALA A 40 -9.79 -9.50 -6.43
N PRO A 41 -10.23 -8.80 -7.47
CA PRO A 41 -11.64 -8.88 -7.87
C PRO A 41 -11.99 -10.27 -8.39
N GLY A 42 -13.10 -10.81 -7.89
CA GLY A 42 -13.61 -12.08 -8.36
C GLY A 42 -13.01 -13.31 -7.72
N LYS A 43 -11.92 -13.18 -6.97
CA LYS A 43 -11.25 -14.31 -6.37
C LYS A 43 -11.33 -14.24 -4.85
N GLY A 44 -10.93 -15.32 -4.21
CA GLY A 44 -10.93 -15.41 -2.77
C GLY A 44 -9.78 -14.61 -2.19
N LEU A 45 -9.64 -14.70 -0.87
CA LEU A 45 -8.49 -14.07 -0.24
C LEU A 45 -7.23 -14.80 -0.68
N GLU A 46 -6.15 -14.05 -0.85
CA GLU A 46 -4.85 -14.63 -1.19
C GLU A 46 -3.84 -14.13 -0.19
N TRP A 47 -3.06 -15.05 0.37
CA TRP A 47 -2.05 -14.71 1.35
C TRP A 47 -0.80 -14.16 0.66
N VAL A 48 -0.18 -13.16 1.29
CA VAL A 48 0.90 -12.41 0.68
C VAL A 48 2.19 -12.55 1.47
N SER A 49 2.19 -12.09 2.72
CA SER A 49 3.45 -12.06 3.46
C SER A 49 3.18 -12.12 4.96
N SER A 50 4.22 -12.46 5.72
CA SER A 50 4.09 -12.51 7.16
C SER A 50 5.44 -12.21 7.81
N ILE A 51 5.37 -11.73 9.05
CA ILE A 51 6.55 -11.41 9.83
C ILE A 51 6.32 -11.85 11.27
N SER A 52 7.40 -12.30 11.92
CA SER A 52 7.31 -12.80 13.27
C SER A 52 7.13 -11.67 14.28
N GLY A 53 6.83 -12.07 15.51
CA GLY A 53 6.58 -11.08 16.56
C GLY A 53 7.79 -10.21 16.83
N SER A 54 8.97 -10.82 16.90
CA SER A 54 10.20 -10.08 17.13
C SER A 54 10.83 -9.55 15.85
N GLY A 55 10.41 -10.06 14.70
CA GLY A 55 11.16 -9.85 13.48
C GLY A 55 12.19 -10.94 13.30
N GLY A 56 13.01 -10.76 12.28
CA GLY A 56 14.04 -11.73 11.94
C GLY A 56 13.54 -13.03 11.34
N SER A 57 12.24 -13.15 11.09
CA SER A 57 11.69 -14.27 10.31
C SER A 57 10.57 -13.74 9.44
N THR A 58 10.77 -13.79 8.12
CA THR A 58 9.84 -13.24 7.15
C THR A 58 9.46 -14.32 6.16
N TYR A 59 8.16 -14.39 5.86
CA TYR A 59 7.61 -15.45 5.03
C TYR A 59 6.91 -14.81 3.84
N TYR A 60 7.17 -15.32 2.63
CA TYR A 60 6.61 -14.77 1.41
C TYR A 60 5.94 -15.85 0.57
N ALA A 61 5.06 -15.41 -0.34
CA ALA A 61 4.41 -16.28 -1.31
C ALA A 61 5.20 -16.28 -2.63
N HIS A 62 4.73 -17.11 -3.58
CA HIS A 62 5.42 -17.28 -4.85
C HIS A 62 4.98 -16.33 -5.94
N SER A 63 3.76 -15.80 -5.86
CA SER A 63 3.29 -14.87 -6.87
C SER A 63 3.99 -13.53 -6.74
N LEU A 64 4.68 -13.30 -5.63
CA LEU A 64 5.26 -12.01 -5.32
C LEU A 64 6.68 -12.12 -4.75
N LYS A 65 7.28 -13.30 -4.77
CA LYS A 65 8.64 -13.45 -4.27
C LYS A 65 9.62 -12.64 -5.11
N GLY A 66 10.50 -11.90 -4.44
CA GLY A 66 11.46 -11.04 -5.10
C GLY A 66 10.93 -9.66 -5.45
N ARG A 67 9.63 -9.41 -5.29
CA ARG A 67 9.05 -8.10 -5.55
C ARG A 67 8.59 -7.37 -4.30
N PHE A 68 8.06 -8.07 -3.30
CA PHE A 68 7.61 -7.42 -2.07
C PHE A 68 8.56 -7.68 -0.92
N THR A 69 8.46 -6.83 0.09
CA THR A 69 9.35 -6.88 1.25
C THR A 69 8.57 -6.43 2.48
N ILE A 70 8.73 -7.14 3.59
CA ILE A 70 7.98 -6.85 4.80
C ILE A 70 8.95 -6.45 5.91
N SER A 71 8.53 -5.51 6.76
CA SER A 71 9.37 -5.08 7.89
C SER A 71 8.47 -4.51 8.97
N ARG A 72 8.98 -4.47 10.19
CA ARG A 72 8.18 -3.92 11.30
C ARG A 72 9.06 -3.11 12.25
N ASP A 73 8.49 -2.03 12.76
CA ASP A 73 9.11 -1.20 13.79
C ASP A 73 8.27 -1.38 15.05
N ASN A 74 8.77 -2.21 15.96
CA ASN A 74 8.10 -2.53 17.22
C ASN A 74 8.15 -1.40 18.23
N SER A 75 8.95 -0.36 17.99
CA SER A 75 9.00 0.79 18.89
C SER A 75 8.04 1.88 18.48
N LYS A 76 7.58 1.87 17.23
CA LYS A 76 6.56 2.79 16.76
C LYS A 76 5.22 2.12 16.56
N ASN A 77 5.12 0.81 16.84
CA ASN A 77 3.90 0.03 16.62
C ASN A 77 3.47 0.08 15.16
N THR A 78 4.40 -0.20 14.25
CA THR A 78 4.11 0.01 12.83
C THR A 78 4.63 -1.17 12.02
N LEU A 79 3.96 -1.45 10.89
CA LEU A 79 4.34 -2.55 10.01
C LEU A 79 4.28 -2.10 8.56
N TYR A 80 5.36 -2.32 7.82
CA TYR A 80 5.51 -1.81 6.46
C TYR A 80 5.58 -2.95 5.46
N LEU A 81 5.11 -2.66 4.25
CA LEU A 81 5.21 -3.56 3.10
C LEU A 81 5.63 -2.76 1.88
N GLN A 82 6.73 -3.16 1.25
CA GLN A 82 7.32 -2.44 0.13
C GLN A 82 7.04 -3.23 -1.14
N MET A 83 6.46 -2.57 -2.13
CA MET A 83 6.07 -3.18 -3.40
C MET A 83 6.95 -2.66 -4.53
N ASN A 84 7.40 -3.57 -5.39
CA ASN A 84 8.29 -3.24 -6.48
C ASN A 84 7.90 -4.06 -7.70
N SER A 85 8.28 -3.55 -8.88
CA SER A 85 7.96 -4.18 -10.16
C SER A 85 6.49 -4.58 -10.24
N LEU A 86 5.62 -3.64 -9.88
CA LEU A 86 4.18 -3.92 -9.81
C LEU A 86 3.64 -4.30 -11.17
N ARG A 87 2.70 -5.25 -11.17
CA ARG A 87 2.05 -5.74 -12.38
C ARG A 87 0.56 -5.44 -12.31
N ALA A 88 -0.13 -5.68 -13.43
CA ALA A 88 -1.56 -5.39 -13.48
C ALA A 88 -2.38 -6.36 -12.64
N GLU A 89 -1.86 -7.56 -12.35
CA GLU A 89 -2.59 -8.52 -11.54
C GLU A 89 -2.58 -8.17 -10.07
N ASP A 90 -1.63 -7.35 -9.62
CA ASP A 90 -1.47 -7.02 -8.21
C ASP A 90 -2.49 -6.00 -7.71
N THR A 91 -3.41 -5.55 -8.54
CA THR A 91 -4.41 -4.59 -8.10
C THR A 91 -5.38 -5.28 -7.15
N ALA A 92 -5.55 -4.75 -5.96
CA ALA A 92 -6.36 -5.47 -4.98
C ALA A 92 -6.61 -4.60 -3.76
N ILE A 93 -7.38 -5.14 -2.82
CA ILE A 93 -7.53 -4.57 -1.49
C ILE A 93 -6.62 -5.31 -0.55
N TYR A 94 -5.68 -4.59 0.06
CA TYR A 94 -4.67 -5.17 0.94
C TYR A 94 -5.06 -4.95 2.39
N TYR A 95 -4.95 -6.02 3.19
CA TYR A 95 -5.38 -6.06 4.57
C TYR A 95 -4.22 -6.46 5.48
N CYS A 96 -4.24 -5.88 6.68
CA CYS A 96 -3.21 -6.03 7.70
C CYS A 96 -3.82 -6.80 8.86
N ALA A 97 -3.32 -8.01 9.12
CA ALA A 97 -3.97 -8.93 10.04
C ALA A 97 -3.02 -9.41 11.14
N ARG A 98 -3.59 -9.59 12.33
CA ARG A 98 -2.86 -10.09 13.50
C ARG A 98 -3.15 -11.58 13.68
N LEU A 99 -2.10 -12.38 13.73
CA LEU A 99 -2.25 -13.81 13.99
C LEU A 99 -2.13 -14.06 15.48
N ARG A 100 -3.11 -14.76 16.05
CA ARG A 100 -3.01 -15.24 17.42
C ARG A 100 -2.29 -16.59 17.44
N ASP A 101 -1.35 -16.74 18.37
CA ASP A 101 -0.63 -18.00 18.57
C ASP A 101 0.08 -18.46 17.29
N GLY A 102 0.72 -17.54 16.58
CA GLY A 102 1.52 -18.00 15.47
C GLY A 102 0.62 -18.39 14.31
N PHE A 103 1.18 -19.20 13.43
CA PHE A 103 0.45 -19.67 12.26
C PHE A 103 -0.62 -20.71 12.62
N ASN A 104 -0.84 -20.97 13.91
CA ASN A 104 -1.63 -22.12 14.35
C ASN A 104 -3.11 -21.82 14.52
N ASN A 105 -3.48 -20.61 14.92
CA ASN A 105 -4.85 -20.32 15.33
C ASN A 105 -5.56 -19.28 14.48
N GLY A 106 -4.95 -18.79 13.40
CA GLY A 106 -5.71 -17.97 12.49
C GLY A 106 -5.63 -16.50 12.84
N PHE A 107 -6.52 -15.73 12.21
CA PHE A 107 -6.57 -14.29 12.37
C PHE A 107 -7.76 -13.93 13.25
N ASP A 108 -7.62 -12.83 14.01
CA ASP A 108 -8.68 -12.35 14.89
C ASP A 108 -9.07 -10.89 14.72
N TYR A 109 -8.21 -10.04 14.16
CA TYR A 109 -8.52 -8.63 13.94
C TYR A 109 -7.95 -8.24 12.59
N TRP A 110 -8.73 -7.44 11.87
CA TRP A 110 -8.34 -7.03 10.53
C TRP A 110 -8.19 -5.52 10.54
N GLY A 111 -7.78 -4.98 9.40
CA GLY A 111 -7.83 -3.56 9.18
C GLY A 111 -9.01 -3.19 8.29
N GLN A 112 -9.08 -1.91 7.94
CA GLN A 112 -10.06 -1.52 6.94
C GLN A 112 -9.54 -1.82 5.55
N GLY A 113 -8.23 -1.93 5.39
CA GLY A 113 -7.64 -2.24 4.12
C GLY A 113 -7.39 -1.00 3.29
N THR A 114 -6.58 -1.17 2.25
CA THR A 114 -6.31 -0.07 1.34
C THR A 114 -6.29 -0.60 -0.09
N LEU A 115 -6.60 0.28 -1.03
CA LEU A 115 -6.81 -0.11 -2.42
C LEU A 115 -5.59 0.24 -3.24
N VAL A 116 -5.16 -0.70 -4.09
CA VAL A 116 -4.06 -0.46 -5.02
C VAL A 116 -4.56 -0.77 -6.41
N THR A 117 -4.62 0.25 -7.25
CA THR A 117 -5.08 0.17 -8.64
C THR A 117 -3.88 0.43 -9.54
N VAL A 118 -3.65 -0.46 -10.49
CA VAL A 118 -2.53 -0.37 -11.42
C VAL A 118 -3.09 -0.40 -12.84
N SER A 119 -3.00 0.73 -13.53
CA SER A 119 -3.48 0.85 -14.89
C SER A 119 -2.67 1.95 -15.58
N SER A 120 -3.03 2.24 -16.82
CA SER A 120 -2.38 3.31 -17.55
C SER A 120 -3.38 4.41 -17.92
N GLU B 1 -19.05 -11.06 -17.74
CA GLU B 1 -18.45 -10.86 -16.42
C GLU B 1 -19.06 -9.62 -15.77
N VAL B 2 -18.95 -9.52 -14.43
CA VAL B 2 -19.58 -8.44 -13.69
C VAL B 2 -18.91 -7.12 -14.03
N GLN B 3 -19.70 -6.04 -14.07
CA GLN B 3 -19.18 -4.72 -14.39
C GLN B 3 -19.98 -3.66 -13.65
N LEU B 4 -19.26 -2.77 -12.97
CA LEU B 4 -19.85 -1.66 -12.22
C LEU B 4 -19.20 -0.36 -12.67
N VAL B 5 -19.98 0.73 -12.74
CA VAL B 5 -19.44 2.03 -13.09
C VAL B 5 -20.07 3.10 -12.21
N GLU B 6 -19.23 3.99 -11.68
CA GLU B 6 -19.71 5.13 -10.92
C GLU B 6 -19.91 6.32 -11.85
N SER B 7 -20.84 7.20 -11.46
CA SER B 7 -21.17 8.37 -12.27
C SER B 7 -21.60 9.50 -11.36
N GLY B 8 -21.26 10.72 -11.75
CA GLY B 8 -21.50 11.88 -10.92
C GLY B 8 -20.30 12.23 -10.07
N GLY B 9 -20.32 13.43 -9.54
CA GLY B 9 -19.23 13.83 -8.67
C GLY B 9 -18.34 14.86 -9.32
N GLY B 10 -17.67 15.65 -8.48
CA GLY B 10 -16.86 16.76 -8.96
C GLY B 10 -16.59 17.74 -7.82
N LEU B 11 -16.26 18.97 -8.23
CA LEU B 11 -15.90 20.03 -7.29
C LEU B 11 -17.14 20.76 -6.79
N VAL B 12 -17.24 20.91 -5.46
CA VAL B 12 -18.26 21.74 -4.83
C VAL B 12 -17.63 22.52 -3.70
N GLN B 13 -18.20 23.69 -3.42
CA GLN B 13 -17.76 24.53 -2.32
C GLN B 13 -18.24 23.96 -1.00
N PRO B 14 -17.59 24.30 0.11
CA PRO B 14 -17.97 23.70 1.40
C PRO B 14 -19.41 24.02 1.76
N GLY B 15 -20.08 23.04 2.37
CA GLY B 15 -21.47 23.18 2.72
C GLY B 15 -22.44 22.75 1.63
N GLY B 16 -21.94 22.41 0.45
CA GLY B 16 -22.78 22.05 -0.68
C GLY B 16 -23.14 20.58 -0.68
N SER B 17 -23.81 20.16 -1.75
CA SER B 17 -24.33 18.81 -1.85
C SER B 17 -24.09 18.24 -3.25
N LEU B 18 -23.88 16.92 -3.30
CA LEU B 18 -23.77 16.19 -4.56
C LEU B 18 -24.63 14.93 -4.51
N ARG B 19 -24.72 14.25 -5.65
CA ARG B 19 -25.44 12.98 -5.72
C ARG B 19 -24.72 12.05 -6.68
N LEU B 20 -24.35 10.87 -6.20
CA LEU B 20 -23.63 9.85 -6.94
C LEU B 20 -24.58 8.74 -7.36
N SER B 21 -24.30 8.15 -8.52
CA SER B 21 -25.09 7.05 -9.07
C SER B 21 -24.14 5.94 -9.48
N CYS B 22 -24.60 4.70 -9.34
CA CYS B 22 -23.80 3.54 -9.68
C CYS B 22 -24.63 2.61 -10.55
N ALA B 23 -24.08 2.26 -11.71
CA ALA B 23 -24.74 1.42 -12.70
C ALA B 23 -24.04 0.06 -12.71
N ALA B 24 -24.80 -0.98 -12.39
CA ALA B 24 -24.33 -2.36 -12.37
C ALA B 24 -24.76 -3.08 -13.64
N SER B 25 -24.08 -4.17 -13.94
CA SER B 25 -24.45 -4.95 -15.12
C SER B 25 -23.96 -6.39 -14.97
N ASP B 26 -24.63 -7.28 -15.71
CA ASP B 26 -24.24 -8.67 -15.94
C ASP B 26 -24.37 -9.56 -14.72
N PHE B 27 -25.18 -9.19 -13.73
CA PHE B 27 -25.52 -10.12 -12.66
C PHE B 27 -26.85 -9.69 -12.04
N THR B 28 -27.37 -10.55 -11.17
CA THR B 28 -28.66 -10.31 -10.53
C THR B 28 -28.46 -9.23 -9.46
N PHE B 29 -28.98 -8.03 -9.73
CA PHE B 29 -28.74 -6.90 -8.84
C PHE B 29 -29.56 -6.94 -7.56
N ARG B 30 -30.66 -7.70 -7.48
CA ARG B 30 -31.49 -7.66 -6.30
C ARG B 30 -31.18 -8.74 -5.28
N ASN B 31 -30.14 -9.55 -5.51
CA ASN B 31 -29.81 -10.61 -4.56
C ASN B 31 -28.57 -10.32 -3.72
N TYR B 32 -27.72 -9.40 -4.16
CA TYR B 32 -26.50 -9.05 -3.44
C TYR B 32 -26.66 -7.72 -2.75
N GLU B 33 -25.99 -7.58 -1.62
CA GLU B 33 -26.03 -6.36 -0.83
C GLU B 33 -24.95 -5.40 -1.32
N MET B 34 -25.30 -4.12 -1.40
CA MET B 34 -24.37 -3.17 -2.00
C MET B 34 -23.92 -2.11 -0.99
N SER B 35 -22.81 -1.44 -1.34
CA SER B 35 -22.20 -0.51 -0.41
C SER B 35 -21.41 0.55 -1.16
N TRP B 36 -21.24 1.68 -0.50
CA TRP B 36 -20.39 2.76 -0.96
C TRP B 36 -19.26 2.94 0.04
N VAL B 37 -18.03 3.02 -0.46
CA VAL B 37 -16.85 3.25 0.35
C VAL B 37 -15.98 4.30 -0.32
N ARG B 38 -15.18 5.01 0.48
CA ARG B 38 -14.35 6.07 -0.08
C ARG B 38 -12.92 5.92 0.40
N GLN B 39 -11.99 6.46 -0.38
CA GLN B 39 -10.57 6.47 -0.02
C GLN B 39 -9.95 7.78 -0.48
N ALA B 40 -9.42 8.55 0.46
CA ALA B 40 -8.63 9.71 0.07
C ALA B 40 -7.30 9.23 -0.51
N PRO B 41 -6.67 10.03 -1.38
CA PRO B 41 -5.38 9.61 -1.94
C PRO B 41 -4.30 9.54 -0.87
N GLY B 42 -3.55 8.44 -0.88
CA GLY B 42 -2.47 8.22 0.06
C GLY B 42 -2.86 7.60 1.38
N LYS B 43 -4.15 7.55 1.71
CA LYS B 43 -4.62 6.93 2.95
C LYS B 43 -5.51 5.75 2.62
N GLY B 44 -5.87 4.99 3.66
CA GLY B 44 -6.64 3.78 3.47
C GLY B 44 -8.11 4.00 3.14
N LEU B 45 -8.80 2.87 2.97
CA LEU B 45 -10.24 2.82 2.75
C LEU B 45 -11.02 3.21 4.01
N GLU B 46 -12.18 3.83 3.80
CA GLU B 46 -13.15 4.07 4.87
C GLU B 46 -14.52 3.61 4.40
N TRP B 47 -15.21 2.85 5.24
CA TRP B 47 -16.55 2.40 4.90
C TRP B 47 -17.53 3.54 5.12
N VAL B 48 -18.51 3.66 4.22
CA VAL B 48 -19.41 4.81 4.22
C VAL B 48 -20.84 4.38 4.46
N SER B 49 -21.41 3.59 3.55
CA SER B 49 -22.82 3.25 3.71
C SER B 49 -23.11 1.93 3.03
N SER B 50 -24.20 1.28 3.43
CA SER B 50 -24.58 0.01 2.84
C SER B 50 -26.08 -0.20 2.91
N ILE B 51 -26.59 -1.00 1.97
CA ILE B 51 -28.00 -1.34 1.88
C ILE B 51 -28.15 -2.80 1.48
N SER B 52 -29.22 -3.42 2.00
CA SER B 52 -29.54 -4.82 1.76
C SER B 52 -30.07 -5.02 0.35
N GLY B 53 -30.24 -6.29 -0.02
CA GLY B 53 -30.65 -6.60 -1.39
C GLY B 53 -32.01 -6.03 -1.75
N SER B 54 -32.97 -6.13 -0.85
CA SER B 54 -34.31 -5.63 -1.12
C SER B 54 -34.49 -4.16 -0.76
N GLY B 55 -33.59 -3.59 0.03
CA GLY B 55 -33.85 -2.33 0.68
C GLY B 55 -34.54 -2.57 2.01
N GLY B 56 -34.93 -1.46 2.63
CA GLY B 56 -35.56 -1.56 3.94
C GLY B 56 -34.63 -1.95 5.06
N SER B 57 -33.33 -2.06 4.80
CA SER B 57 -32.31 -2.23 5.82
C SER B 57 -31.13 -1.38 5.40
N THR B 58 -30.87 -0.30 6.13
CA THR B 58 -29.85 0.66 5.75
C THR B 58 -28.91 0.91 6.91
N TYR B 59 -27.60 0.88 6.64
CA TYR B 59 -26.58 1.12 7.65
C TYR B 59 -25.61 2.18 7.18
N TYR B 60 -25.26 3.10 8.09
CA TYR B 60 -24.37 4.20 7.81
C TYR B 60 -23.25 4.21 8.85
N ALA B 61 -22.19 4.95 8.52
CA ALA B 61 -21.07 5.10 9.43
C ALA B 61 -21.32 6.27 10.38
N HIS B 62 -20.41 6.47 11.33
CA HIS B 62 -20.62 7.45 12.38
C HIS B 62 -20.16 8.85 12.01
N SER B 63 -19.22 8.97 11.07
CA SER B 63 -18.76 10.30 10.68
C SER B 63 -19.79 11.05 9.84
N LEU B 64 -20.77 10.35 9.28
CA LEU B 64 -21.65 11.01 8.32
C LEU B 64 -23.13 10.66 8.49
N LYS B 65 -23.52 10.05 9.60
CA LYS B 65 -24.93 9.74 9.83
C LYS B 65 -25.75 11.02 9.83
N GLY B 66 -26.87 11.00 9.10
CA GLY B 66 -27.70 12.17 8.97
C GLY B 66 -27.29 13.12 7.87
N ARG B 67 -26.13 12.91 7.23
CA ARG B 67 -25.68 13.75 6.14
C ARG B 67 -25.72 13.06 4.78
N PHE B 68 -25.43 11.77 4.71
CA PHE B 68 -25.51 11.02 3.47
C PHE B 68 -26.70 10.08 3.50
N THR B 69 -27.13 9.65 2.31
CA THR B 69 -28.31 8.80 2.21
C THR B 69 -28.15 7.83 1.05
N ILE B 70 -28.52 6.57 1.28
CA ILE B 70 -28.34 5.49 0.32
C ILE B 70 -29.69 4.96 -0.13
N SER B 71 -29.78 4.57 -1.39
CA SER B 71 -31.02 4.01 -1.93
C SER B 71 -30.69 3.15 -3.14
N ARG B 72 -31.60 2.24 -3.48
CA ARG B 72 -31.38 1.38 -4.64
C ARG B 72 -32.67 1.17 -5.42
N ASP B 73 -32.54 1.12 -6.73
CA ASP B 73 -33.65 0.80 -7.64
C ASP B 73 -33.30 -0.54 -8.30
N ASN B 74 -33.96 -1.60 -7.81
CA ASN B 74 -33.75 -2.96 -8.30
C ASN B 74 -34.39 -3.20 -9.66
N SER B 75 -35.23 -2.28 -10.14
CA SER B 75 -35.83 -2.41 -11.46
C SER B 75 -35.01 -1.72 -12.55
N LYS B 76 -34.13 -0.79 -12.16
CA LYS B 76 -33.21 -0.14 -13.08
C LYS B 76 -31.77 -0.62 -12.93
N ASN B 77 -31.51 -1.55 -12.01
CA ASN B 77 -30.15 -2.00 -11.71
C ASN B 77 -29.26 -0.81 -11.32
N THR B 78 -29.73 -0.01 -10.37
CA THR B 78 -29.03 1.24 -10.06
C THR B 78 -28.96 1.45 -8.55
N LEU B 79 -27.90 2.12 -8.11
CA LEU B 79 -27.68 2.39 -6.68
C LEU B 79 -27.22 3.82 -6.47
N TYR B 80 -27.90 4.56 -5.60
CA TYR B 80 -27.66 5.99 -5.43
C TYR B 80 -27.15 6.30 -4.03
N LEU B 81 -26.34 7.34 -3.95
CA LEU B 81 -25.85 7.89 -2.69
C LEU B 81 -25.82 9.41 -2.78
N GLN B 82 -26.55 10.10 -1.91
CA GLN B 82 -26.61 11.55 -1.92
C GLN B 82 -25.85 12.13 -0.73
N MET B 83 -24.98 13.11 -0.98
CA MET B 83 -24.16 13.75 0.03
C MET B 83 -24.64 15.18 0.26
N ASN B 84 -24.68 15.58 1.53
CA ASN B 84 -25.18 16.89 1.95
C ASN B 84 -24.30 17.44 3.05
N SER B 85 -24.35 18.77 3.21
CA SER B 85 -23.54 19.49 4.20
C SER B 85 -22.08 19.07 4.12
N LEU B 86 -21.56 19.03 2.90
CA LEU B 86 -20.21 18.55 2.65
C LEU B 86 -19.17 19.42 3.34
N ARG B 87 -18.12 18.78 3.85
CA ARG B 87 -17.01 19.44 4.52
C ARG B 87 -15.73 19.14 3.75
N ALA B 88 -14.65 19.83 4.13
CA ALA B 88 -13.39 19.67 3.43
C ALA B 88 -12.75 18.30 3.67
N GLU B 89 -13.09 17.63 4.77
CA GLU B 89 -12.55 16.31 5.05
C GLU B 89 -13.19 15.22 4.20
N ASP B 90 -14.36 15.47 3.63
CA ASP B 90 -15.11 14.49 2.87
C ASP B 90 -14.57 14.25 1.46
N THR B 91 -13.48 14.94 1.08
CA THR B 91 -12.93 14.80 -0.27
C THR B 91 -12.22 13.46 -0.43
N ALA B 92 -12.57 12.72 -1.47
CA ALA B 92 -11.99 11.39 -1.67
C ALA B 92 -12.43 10.83 -3.03
N ILE B 93 -11.95 9.63 -3.34
CA ILE B 93 -12.42 8.84 -4.47
C ILE B 93 -13.42 7.84 -3.93
N TYR B 94 -14.65 7.90 -4.44
CA TYR B 94 -15.77 7.10 -3.98
C TYR B 94 -15.98 5.92 -4.92
N TYR B 95 -16.18 4.74 -4.31
CA TYR B 95 -16.26 3.46 -4.99
C TYR B 95 -17.55 2.75 -4.61
N CYS B 96 -18.04 1.97 -5.56
CA CYS B 96 -19.30 1.22 -5.48
C CYS B 96 -18.97 -0.26 -5.42
N ALA B 97 -19.31 -0.92 -4.32
CA ALA B 97 -18.82 -2.27 -4.07
C ALA B 97 -19.97 -3.25 -3.79
N ARG B 98 -19.82 -4.48 -4.30
CA ARG B 98 -20.78 -5.55 -4.09
C ARG B 98 -20.24 -6.50 -3.03
N LEU B 99 -21.05 -6.78 -2.00
CA LEU B 99 -20.65 -7.71 -0.95
C LEU B 99 -21.10 -9.13 -1.30
N ARG B 100 -20.19 -10.10 -1.13
CA ARG B 100 -20.53 -11.50 -1.31
C ARG B 100 -21.17 -12.04 -0.03
N ASP B 101 -22.27 -12.77 -0.19
CA ASP B 101 -22.87 -13.56 0.88
C ASP B 101 -23.10 -12.72 2.14
N GLY B 102 -23.71 -11.56 1.94
CA GLY B 102 -24.08 -10.65 3.02
C GLY B 102 -23.04 -9.62 3.41
N PHE B 103 -23.28 -9.03 4.58
CA PHE B 103 -22.55 -7.83 5.00
C PHE B 103 -21.13 -8.13 5.46
N ASN B 104 -20.97 -9.04 6.41
CA ASN B 104 -19.72 -9.13 7.14
C ASN B 104 -18.69 -10.03 6.46
N ASN B 105 -18.87 -10.35 5.19
CA ASN B 105 -18.10 -11.39 4.50
C ASN B 105 -17.25 -10.83 3.36
N GLY B 106 -17.20 -9.52 3.22
CA GLY B 106 -16.26 -8.87 2.34
C GLY B 106 -16.78 -8.59 0.95
N PHE B 107 -15.84 -8.12 0.12
CA PHE B 107 -16.08 -7.65 -1.23
C PHE B 107 -15.48 -8.59 -2.26
N ASP B 108 -16.11 -8.65 -3.43
CA ASP B 108 -15.52 -9.37 -4.57
C ASP B 108 -15.46 -8.56 -5.86
N TYR B 109 -16.29 -7.54 -6.04
CA TYR B 109 -16.20 -6.67 -7.21
C TYR B 109 -16.55 -5.24 -6.83
N TRP B 110 -15.73 -4.30 -7.28
CA TRP B 110 -15.97 -2.87 -7.15
C TRP B 110 -15.85 -2.22 -8.53
N GLY B 111 -16.07 -0.89 -8.58
CA GLY B 111 -15.97 -0.14 -9.81
C GLY B 111 -14.67 0.63 -9.95
N GLN B 112 -14.65 1.51 -10.95
CA GLN B 112 -13.49 2.35 -11.23
C GLN B 112 -13.36 3.55 -10.30
N GLY B 113 -14.46 3.99 -9.70
CA GLY B 113 -14.44 5.09 -8.75
C GLY B 113 -14.57 6.44 -9.42
N THR B 114 -14.94 7.43 -8.60
CA THR B 114 -15.07 8.80 -9.08
C THR B 114 -14.63 9.78 -7.98
N LEU B 115 -14.28 10.99 -8.38
CA LEU B 115 -13.62 11.95 -7.50
C LEU B 115 -14.64 12.96 -6.95
N VAL B 116 -14.56 13.23 -5.65
CA VAL B 116 -15.36 14.27 -4.99
C VAL B 116 -14.40 15.20 -4.26
N THR B 117 -14.33 16.45 -4.71
CA THR B 117 -13.47 17.48 -4.15
C THR B 117 -14.29 18.58 -3.52
N VAL B 118 -13.98 18.93 -2.28
CA VAL B 118 -14.67 19.98 -1.53
C VAL B 118 -13.61 20.98 -1.08
N SER B 119 -13.63 22.17 -1.67
CA SER B 119 -12.70 23.22 -1.28
C SER B 119 -13.30 24.58 -1.63
N SER B 120 -12.57 25.64 -1.33
CA SER B 120 -12.95 27.00 -1.68
C SER B 120 -11.89 27.65 -2.58
N PHE C 8 27.49 -6.96 7.29
CA PHE C 8 27.35 -8.40 7.56
C PHE C 8 27.26 -9.24 6.30
N ASN C 9 26.19 -9.03 5.54
CA ASN C 9 25.99 -9.75 4.29
C ASN C 9 26.70 -9.01 3.16
N LYS C 10 27.70 -9.66 2.55
CA LYS C 10 28.39 -9.03 1.44
C LYS C 10 27.56 -9.10 0.15
N ASP C 11 26.71 -10.12 0.04
CA ASP C 11 25.80 -10.22 -1.10
C ASP C 11 24.87 -9.01 -1.13
N GLN C 12 24.54 -8.46 0.03
CA GLN C 12 23.69 -7.26 0.10
C GLN C 12 24.39 -6.08 -0.57
N GLN C 13 25.65 -5.85 -0.20
CA GLN C 13 26.38 -4.70 -0.71
C GLN C 13 26.64 -4.85 -2.21
N SER C 14 26.94 -6.08 -2.64
CA SER C 14 27.17 -6.32 -4.06
C SER C 14 25.90 -6.13 -4.87
N ALA C 15 24.74 -6.52 -4.33
CA ALA C 15 23.49 -6.28 -5.04
C ALA C 15 23.14 -4.79 -5.05
N PHE C 16 23.54 -4.05 -4.01
CA PHE C 16 23.34 -2.61 -4.01
C PHE C 16 24.09 -1.96 -5.17
N TYR C 17 25.40 -2.23 -5.26
CA TYR C 17 26.17 -1.66 -6.37
C TYR C 17 25.72 -2.21 -7.72
N GLU C 18 25.20 -3.44 -7.75
CA GLU C 18 24.63 -3.97 -8.99
C GLU C 18 23.47 -3.11 -9.45
N ILE C 19 22.58 -2.74 -8.53
CA ILE C 19 21.38 -1.99 -8.93
C ILE C 19 21.70 -0.53 -9.22
N LEU C 20 22.70 0.07 -8.55
CA LEU C 20 23.01 1.47 -8.84
C LEU C 20 23.35 1.73 -10.30
N ASN C 21 24.01 0.78 -10.97
CA ASN C 21 24.49 0.99 -12.32
C ASN C 21 23.58 0.41 -13.40
N MET C 22 22.34 0.08 -13.06
CA MET C 22 21.41 -0.42 -14.06
C MET C 22 20.89 0.74 -14.89
N PRO C 23 21.03 0.71 -16.22
CA PRO C 23 20.77 1.91 -17.03
C PRO C 23 19.29 2.15 -17.30
N ASN C 24 18.54 1.07 -17.48
CA ASN C 24 17.17 1.15 -17.97
C ASN C 24 16.15 1.37 -16.87
N LEU C 25 16.59 1.48 -15.62
CA LEU C 25 15.71 1.87 -14.53
C LEU C 25 15.65 3.39 -14.40
N ASN C 26 14.56 3.86 -13.79
CA ASN C 26 14.43 5.24 -13.38
C ASN C 26 14.57 5.34 -11.87
N GLU C 27 14.62 6.57 -11.36
CA GLU C 27 15.02 6.79 -9.97
C GLU C 27 14.08 6.09 -9.00
N ALA C 28 12.79 5.99 -9.35
CA ALA C 28 11.83 5.40 -8.43
C ALA C 28 12.05 3.90 -8.29
N GLN C 29 12.34 3.21 -9.40
CA GLN C 29 12.53 1.76 -9.34
C GLN C 29 13.84 1.42 -8.66
N ARG C 30 14.90 2.17 -9.00
CA ARG C 30 16.20 1.98 -8.35
C ARG C 30 16.08 2.13 -6.85
N ASN C 31 15.46 3.23 -6.39
CA ASN C 31 15.29 3.43 -4.96
C ASN C 31 14.34 2.41 -4.34
N GLY C 32 13.39 1.88 -5.11
CA GLY C 32 12.50 0.87 -4.57
C GLY C 32 13.23 -0.42 -4.24
N PHE C 33 14.01 -0.94 -5.19
CA PHE C 33 14.77 -2.15 -4.88
C PHE C 33 15.81 -1.88 -3.80
N ILE C 34 16.34 -0.66 -3.72
CA ILE C 34 17.27 -0.36 -2.63
C ILE C 34 16.54 -0.39 -1.28
N GLN C 35 15.31 0.13 -1.24
CA GLN C 35 14.54 0.06 -0.02
C GLN C 35 14.22 -1.38 0.36
N SER C 36 14.02 -2.25 -0.64
CA SER C 36 13.81 -3.66 -0.33
C SER C 36 15.06 -4.28 0.28
N LEU C 37 16.24 -3.92 -0.24
CA LEU C 37 17.48 -4.37 0.39
C LEU C 37 17.63 -3.83 1.80
N LYS C 38 17.01 -2.69 2.10
CA LYS C 38 17.09 -2.15 3.46
C LYS C 38 16.18 -2.91 4.42
N ASP C 39 14.93 -3.16 4.01
CA ASP C 39 13.96 -3.72 4.96
C ASP C 39 14.30 -5.16 5.35
N ASP C 40 14.69 -6.00 4.39
CA ASP C 40 14.92 -7.42 4.64
C ASP C 40 16.14 -7.85 3.84
N PRO C 41 17.32 -7.83 4.45
CA PRO C 41 18.56 -8.15 3.71
C PRO C 41 18.71 -9.62 3.36
N SER C 42 17.79 -10.49 3.76
CA SER C 42 17.89 -11.90 3.43
C SER C 42 17.50 -12.18 1.98
N GLN C 43 16.65 -11.35 1.40
CA GLN C 43 16.15 -11.56 0.04
C GLN C 43 17.04 -10.93 -1.02
N SER C 44 18.28 -10.58 -0.67
CA SER C 44 19.13 -9.81 -1.57
C SER C 44 19.27 -10.48 -2.93
N THR C 45 19.40 -11.81 -2.94
CA THR C 45 19.49 -12.50 -4.22
C THR C 45 18.19 -12.36 -5.01
N ASN C 46 17.06 -12.65 -4.36
CA ASN C 46 15.79 -12.66 -5.08
C ASN C 46 15.47 -11.29 -5.66
N VAL C 47 15.69 -10.23 -4.89
CA VAL C 47 15.43 -8.89 -5.38
C VAL C 47 16.25 -8.63 -6.62
N LEU C 48 17.53 -9.03 -6.60
CA LEU C 48 18.39 -8.76 -7.74
C LEU C 48 17.87 -9.48 -8.97
N GLY C 49 17.35 -10.70 -8.76
CA GLY C 49 16.83 -11.45 -9.90
C GLY C 49 15.68 -10.71 -10.54
N GLU C 50 14.78 -10.16 -9.73
CA GLU C 50 13.65 -9.44 -10.29
C GLU C 50 14.03 -8.03 -10.70
N ALA C 51 15.14 -7.49 -10.19
CA ALA C 51 15.58 -6.17 -10.65
C ALA C 51 16.22 -6.27 -12.02
N LYS C 52 17.20 -7.16 -12.17
CA LYS C 52 17.84 -7.39 -13.46
C LYS C 52 16.82 -7.77 -14.53
N LYS C 53 15.79 -8.54 -14.15
CA LYS C 53 14.72 -8.85 -15.10
C LYS C 53 14.03 -7.57 -15.57
N LEU C 54 13.64 -6.69 -14.64
CA LEU C 54 12.92 -5.49 -15.03
C LEU C 54 13.80 -4.59 -15.88
N ASN C 55 15.06 -4.41 -15.46
CA ASN C 55 15.99 -3.61 -16.25
C ASN C 55 16.10 -4.19 -17.65
N GLU C 56 16.11 -5.52 -17.75
CA GLU C 56 16.23 -6.17 -19.05
C GLU C 56 15.04 -5.84 -19.93
N SER C 57 13.85 -5.74 -19.34
CA SER C 57 12.66 -5.45 -20.13
C SER C 57 12.52 -3.97 -20.48
N GLN C 58 13.36 -3.08 -19.95
CA GLN C 58 13.20 -1.66 -20.18
C GLN C 58 14.22 -1.10 -21.16
N ALA C 59 14.99 -1.95 -21.81
CA ALA C 59 15.97 -1.53 -22.81
C ALA C 59 15.31 -1.43 -24.18
N PRO C 60 15.49 -0.32 -24.90
CA PRO C 60 15.00 -0.25 -26.28
C PRO C 60 15.99 -0.72 -27.32
N LYS C 61 17.20 -1.07 -26.89
CA LYS C 61 18.38 -1.45 -27.69
C LYS C 61 18.28 -1.34 -29.23
N PHE D 8 35.64 -5.73 0.60
CA PHE D 8 36.98 -6.23 0.88
C PHE D 8 37.71 -5.33 1.88
N ASN D 9 37.69 -4.02 1.63
CA ASN D 9 38.32 -3.06 2.54
C ASN D 9 37.42 -2.85 3.75
N LYS D 10 37.97 -3.07 4.95
CA LYS D 10 37.16 -2.93 6.17
C LYS D 10 36.82 -1.47 6.43
N ASP D 11 37.69 -0.54 6.03
CA ASP D 11 37.33 0.87 6.13
C ASP D 11 36.14 1.20 5.24
N GLN D 12 36.02 0.51 4.11
CA GLN D 12 34.96 0.79 3.14
C GLN D 12 33.56 0.44 3.66
N GLN D 13 33.37 -0.81 4.10
CA GLN D 13 32.01 -1.26 4.40
C GLN D 13 31.42 -0.60 5.65
N SER D 14 32.26 -0.27 6.64
CA SER D 14 31.72 0.40 7.82
C SER D 14 31.18 1.77 7.46
N ALA D 15 31.86 2.48 6.56
CA ALA D 15 31.33 3.75 6.07
C ALA D 15 30.13 3.52 5.15
N PHE D 16 30.08 2.38 4.47
CA PHE D 16 28.92 2.03 3.66
C PHE D 16 27.66 1.94 4.52
N TYR D 17 27.70 1.12 5.57
CA TYR D 17 26.55 1.02 6.45
C TYR D 17 26.31 2.30 7.23
N GLU D 18 27.36 3.09 7.52
CA GLU D 18 27.16 4.38 8.17
C GLU D 18 26.32 5.31 7.29
N ILE D 19 26.68 5.43 6.01
CA ILE D 19 25.99 6.38 5.13
C ILE D 19 24.62 5.84 4.71
N LEU D 20 24.49 4.51 4.58
CA LEU D 20 23.21 3.91 4.23
C LEU D 20 22.15 4.24 5.27
N ASN D 21 22.53 4.33 6.55
CA ASN D 21 21.60 4.55 7.65
C ASN D 21 21.56 6.00 8.11
N MET D 22 22.07 6.93 7.31
CA MET D 22 22.02 8.35 7.69
C MET D 22 20.62 8.88 7.47
N PRO D 23 19.96 9.44 8.50
CA PRO D 23 18.53 9.74 8.39
C PRO D 23 18.19 11.04 7.65
N ASN D 24 18.99 12.08 7.82
CA ASN D 24 18.62 13.40 7.33
C ASN D 24 19.03 13.66 5.89
N LEU D 25 19.62 12.68 5.22
CA LEU D 25 19.86 12.75 3.79
C LEU D 25 18.63 12.28 3.05
N ASN D 26 18.52 12.69 1.79
CA ASN D 26 17.50 12.14 0.91
C ASN D 26 18.16 11.14 -0.04
N GLU D 27 17.33 10.42 -0.77
CA GLU D 27 17.80 9.23 -1.48
C GLU D 27 18.91 9.56 -2.48
N ALA D 28 18.89 10.75 -3.07
CA ALA D 28 19.90 11.11 -4.05
C ALA D 28 21.27 11.29 -3.40
N GLN D 29 21.30 11.91 -2.21
CA GLN D 29 22.57 12.14 -1.54
C GLN D 29 23.14 10.84 -0.99
N ARG D 30 22.27 10.00 -0.41
CA ARG D 30 22.68 8.69 0.06
C ARG D 30 23.31 7.88 -1.07
N ASN D 31 22.62 7.78 -2.21
CA ASN D 31 23.16 7.00 -3.31
C ASN D 31 24.41 7.66 -3.89
N GLY D 32 24.52 8.99 -3.84
CA GLY D 32 25.70 9.65 -4.36
C GLY D 32 26.94 9.34 -3.55
N PHE D 33 26.87 9.54 -2.23
CA PHE D 33 28.03 9.24 -1.41
C PHE D 33 28.38 7.75 -1.44
N ILE D 34 27.36 6.88 -1.52
CA ILE D 34 27.66 5.45 -1.57
C ILE D 34 28.33 5.09 -2.89
N GLN D 35 27.90 5.71 -4.01
CA GLN D 35 28.58 5.49 -5.29
C GLN D 35 30.02 5.99 -5.24
N SER D 36 30.26 7.07 -4.49
CA SER D 36 31.63 7.55 -4.32
C SER D 36 32.47 6.52 -3.58
N LEU D 37 31.89 5.83 -2.60
CA LEU D 37 32.63 4.76 -1.94
C LEU D 37 33.03 3.64 -2.91
N LYS D 38 32.26 3.44 -3.98
CA LYS D 38 32.61 2.42 -4.97
C LYS D 38 33.72 2.90 -5.91
N ASP D 39 33.63 4.15 -6.36
CA ASP D 39 34.55 4.61 -7.40
C ASP D 39 36.00 4.64 -6.89
N ASP D 40 36.22 5.07 -5.66
CA ASP D 40 37.56 5.20 -5.10
C ASP D 40 37.57 4.73 -3.65
N PRO D 41 37.92 3.46 -3.39
CA PRO D 41 37.87 2.96 -2.02
C PRO D 41 38.96 3.49 -1.11
N SER D 42 39.90 4.29 -1.62
CA SER D 42 40.92 4.87 -0.77
C SER D 42 40.41 6.09 -0.02
N GLN D 43 39.46 6.82 -0.60
CA GLN D 43 38.94 8.04 0.00
C GLN D 43 37.74 7.79 0.90
N SER D 44 37.47 6.54 1.26
CA SER D 44 36.23 6.23 1.98
C SER D 44 36.11 7.05 3.25
N THR D 45 37.22 7.20 3.99
CA THR D 45 37.17 7.96 5.23
C THR D 45 36.72 9.39 4.95
N ASN D 46 37.35 10.03 3.96
CA ASN D 46 36.97 11.40 3.65
C ASN D 46 35.52 11.47 3.20
N VAL D 47 35.08 10.46 2.43
CA VAL D 47 33.70 10.46 1.97
C VAL D 47 32.75 10.44 3.15
N LEU D 48 33.11 9.68 4.20
CA LEU D 48 32.24 9.62 5.37
C LEU D 48 32.21 10.97 6.09
N GLY D 49 33.32 11.70 6.08
CA GLY D 49 33.35 12.98 6.77
C GLY D 49 32.43 14.02 6.17
N GLU D 50 32.45 14.16 4.85
CA GLU D 50 31.64 15.17 4.18
C GLU D 50 30.17 14.79 4.08
N ALA D 51 29.85 13.51 4.19
CA ALA D 51 28.43 13.12 4.22
C ALA D 51 27.82 13.44 5.58
N LYS D 52 28.50 13.01 6.66
CA LYS D 52 28.03 13.35 8.00
C LYS D 52 27.90 14.85 8.16
N LYS D 53 28.89 15.60 7.68
CA LYS D 53 28.83 17.05 7.77
C LYS D 53 27.58 17.59 7.08
N LEU D 54 27.26 17.06 5.91
CA LEU D 54 26.04 17.49 5.24
C LEU D 54 24.82 17.01 6.00
N ASN D 55 24.84 15.74 6.45
CA ASN D 55 23.68 15.18 7.15
C ASN D 55 23.35 15.98 8.40
N GLU D 56 24.37 16.43 9.13
CA GLU D 56 24.13 17.22 10.32
C GLU D 56 23.51 18.58 9.98
N SER D 57 23.97 19.20 8.89
CA SER D 57 23.50 20.55 8.58
C SER D 57 22.12 20.57 7.93
N GLN D 58 21.59 19.40 7.56
CA GLN D 58 20.32 19.31 6.87
C GLN D 58 19.22 18.77 7.78
N ALA D 59 19.53 18.58 9.09
CA ALA D 59 18.60 18.11 10.10
C ALA D 59 17.88 19.28 10.75
N PRO D 60 16.55 19.26 10.82
CA PRO D 60 15.81 20.29 11.56
C PRO D 60 15.50 19.85 13.00
N LYS D 61 15.22 20.85 13.82
CA LYS D 61 14.88 20.63 15.23
C LYS D 61 13.37 20.76 15.42
#